data_3B6V
#
_entry.id   3B6V
#
_cell.length_a   135.739
_cell.length_b   47.588
_cell.length_c   116.951
_cell.angle_alpha   90.000
_cell.angle_beta   103.160
_cell.angle_gamma   90.000
#
_symmetry.space_group_name_H-M   'C 1 2 1'
#
loop_
_entity.id
_entity.type
_entity.pdbx_description
1 polymer 'Kinesin-like protein KIF3C'
2 non-polymer 'MAGNESIUM ION'
3 non-polymer "ADENOSINE-5'-DIPHOSPHATE"
4 non-polymer 'UNKNOWN ATOM OR ION'
5 water water
#
_entity_poly.entity_id   1
_entity_poly.type   'polypeptide(L)'
_entity_poly.pdbx_seq_one_letter_code
;MHHHHHHSSGRENLYFQGASEALKVVARCRPLSRKEEAAGHEQILTMDVKLGQVTLRNPRAAPGELPKTFTFDAVYDASS
KQADLYDETVRPLIDSVLQGFNGTVFAYGQTGTGKTYTMQGTWVEPELRGVIPNAFEHIFTHISRSQNQQYLVRASYLEI
YQEEIRDLLSKEPGKRLELKENPETGVYIKDLSSFVTKNVKEIEHVMNLGNQTRAVGSTHMNEVSSRSHAIFIITVECSE
RGSDGQDHIRVGKLNLVDLAGSERQNKAGPNTAGGAATPSSGGGGGGGGSGGGAGGERPKEASKINLSLSALGNVIAALA
GNRSTHIPYRDSKLTRLLQDSLGGNAKTIMVATLGPASHSYDESLSTLRFANRAKNIKNKPRVNEDPKDTLLREF
;
_entity_poly.pdbx_strand_id   A,B
#
loop_
_chem_comp.id
_chem_comp.type
_chem_comp.name
_chem_comp.formula
ADP non-polymer ADENOSINE-5'-DIPHOSPHATE 'C10 H15 N5 O10 P2'
MG non-polymer 'MAGNESIUM ION' 'Mg 2'
UNX non-polymer 'UNKNOWN ATOM OR ION' ?
#
# COMPACT_ATOMS: atom_id res chain seq x y z
N SER A 20 -19.85 29.22 16.05
CA SER A 20 -19.41 28.03 16.84
C SER A 20 -19.64 26.72 16.06
N GLU A 21 -18.88 25.66 16.38
CA GLU A 21 -18.86 24.42 15.58
C GLU A 21 -18.00 23.34 16.27
N ALA A 22 -18.42 22.09 16.20
CA ALA A 22 -17.67 21.01 16.86
C ALA A 22 -16.47 20.56 16.00
N LEU A 23 -15.37 20.23 16.67
CA LEU A 23 -14.30 19.50 16.06
C LEU A 23 -14.93 18.23 15.51
N LYS A 24 -14.72 17.98 14.22
CA LYS A 24 -15.15 16.75 13.55
C LYS A 24 -14.08 15.64 13.65
N VAL A 25 -14.41 14.52 14.31
CA VAL A 25 -13.50 13.37 14.42
C VAL A 25 -13.99 12.22 13.54
N VAL A 26 -13.07 11.62 12.77
CA VAL A 26 -13.35 10.40 12.02
C VAL A 26 -12.26 9.37 12.25
N ALA A 27 -12.63 8.10 12.13
CA ALA A 27 -11.70 6.99 12.36
C ALA A 27 -11.31 6.37 11.05
N ARG A 28 -10.06 5.97 10.92
CA ARG A 28 -9.65 5.14 9.78
C ARG A 28 -8.83 4.00 10.28
N CYS A 29 -9.06 2.82 9.72
CA CYS A 29 -8.32 1.61 10.09
C CYS A 29 -7.70 0.99 8.84
N ARG A 30 -6.39 0.71 8.89
CA ARG A 30 -5.70 0.02 7.79
C ARG A 30 -6.01 -1.48 7.79
N PRO A 31 -5.70 -2.18 6.66
CA PRO A 31 -6.00 -3.62 6.61
C PRO A 31 -5.13 -4.45 7.58
N LEU A 32 -5.54 -5.67 7.88
CA LEU A 32 -4.64 -6.58 8.58
C LEU A 32 -3.60 -7.08 7.57
N SER A 33 -2.36 -7.19 8.03
CA SER A 33 -1.26 -7.60 7.17
C SER A 33 -1.06 -9.12 7.22
N ARG A 34 -0.51 -9.64 6.13
CA ARG A 34 -0.09 -11.02 6.07
C ARG A 34 0.86 -11.26 7.25
N LYS A 35 1.93 -10.44 7.31
CA LYS A 35 2.96 -10.52 8.38
C LYS A 35 2.34 -10.67 9.78
N GLU A 36 1.35 -9.84 10.08
CA GLU A 36 0.65 -9.89 11.37
C GLU A 36 -0.11 -11.21 11.58
N GLU A 37 -0.81 -11.70 10.54
CA GLU A 37 -1.49 -13.03 10.64
C GLU A 37 -0.50 -14.19 10.78
N ALA A 38 0.65 -14.11 10.09
CA ALA A 38 1.73 -15.10 10.22
C ALA A 38 2.26 -15.17 11.66
N ALA A 39 2.29 -14.00 12.34
CA ALA A 39 2.75 -13.93 13.74
C ALA A 39 1.72 -14.49 14.73
N GLY A 40 0.49 -14.70 14.27
CA GLY A 40 -0.55 -15.26 15.13
C GLY A 40 -1.42 -14.18 15.78
N HIS A 41 -1.59 -13.04 15.10
CA HIS A 41 -2.38 -11.92 15.62
C HIS A 41 -3.76 -11.87 15.00
N GLU A 42 -4.77 -11.97 15.84
CA GLU A 42 -6.15 -11.86 15.40
C GLU A 42 -6.46 -10.39 15.12
N GLN A 43 -7.39 -10.18 14.22
CA GLN A 43 -8.05 -8.89 14.10
C GLN A 43 -8.97 -8.70 15.32
N ILE A 44 -9.05 -7.46 15.80
CA ILE A 44 -9.91 -7.13 16.94
C ILE A 44 -10.66 -5.82 16.76
N LEU A 45 -10.37 -5.09 15.69
CA LEU A 45 -11.06 -3.87 15.37
C LEU A 45 -12.05 -4.11 14.24
N THR A 46 -13.29 -3.73 14.47
CA THR A 46 -14.38 -3.88 13.53
C THR A 46 -15.05 -2.53 13.38
N MET A 47 -15.56 -2.24 12.18
CA MET A 47 -16.25 -0.96 11.93
C MET A 47 -17.60 -1.17 11.34
N ASP A 48 -18.51 -0.27 11.64
CA ASP A 48 -19.77 -0.22 10.98
C ASP A 48 -19.86 1.10 10.25
N VAL A 49 -19.66 1.05 8.94
CA VAL A 49 -19.51 2.25 8.13
C VAL A 49 -20.80 3.09 8.02
N LYS A 50 -21.96 2.44 7.92
CA LYS A 50 -23.25 3.16 7.89
C LYS A 50 -23.37 4.05 9.13
N LEU A 51 -23.09 3.47 10.31
CA LEU A 51 -23.30 4.14 11.61
C LEU A 51 -22.10 4.93 12.15
N GLY A 52 -20.98 4.91 11.44
CA GLY A 52 -19.80 5.63 11.90
C GLY A 52 -19.29 5.10 13.22
N GLN A 53 -19.21 3.78 13.34
CA GLN A 53 -18.83 3.16 14.60
C GLN A 53 -17.62 2.26 14.53
N VAL A 54 -16.87 2.25 15.63
CA VAL A 54 -15.73 1.39 15.80
C VAL A 54 -15.95 0.51 17.00
N THR A 55 -15.63 -0.78 16.88
CA THR A 55 -15.74 -1.74 17.97
C THR A 55 -14.40 -2.43 18.21
N LEU A 56 -14.01 -2.55 19.48
CA LEU A 56 -12.70 -3.12 19.83
C LEU A 56 -12.87 -4.29 20.80
N ARG A 57 -12.49 -5.49 20.35
CA ARG A 57 -12.39 -6.65 21.22
C ARG A 57 -11.10 -6.59 22.02
N ASN A 58 -11.21 -6.91 23.31
CA ASN A 58 -10.04 -7.10 24.16
C ASN A 58 -9.61 -8.55 24.03
N PRO A 59 -8.39 -8.79 23.49
CA PRO A 59 -7.97 -10.18 23.34
C PRO A 59 -7.70 -10.85 24.69
N ARG A 60 -7.48 -10.04 25.73
CA ARG A 60 -7.27 -10.52 27.09
C ARG A 60 -8.58 -10.35 27.90
N ALA A 61 -9.73 -10.42 27.21
CA ALA A 61 -11.04 -10.13 27.83
C ALA A 61 -11.61 -11.32 28.58
N ALA A 62 -12.17 -11.06 29.76
CA ALA A 62 -12.85 -12.10 30.52
C ALA A 62 -14.13 -12.58 29.81
N PRO A 63 -14.58 -13.81 30.12
CA PRO A 63 -15.84 -14.35 29.58
C PRO A 63 -17.07 -13.53 30.02
N GLY A 64 -17.88 -13.12 29.03
CA GLY A 64 -19.07 -12.31 29.28
C GLY A 64 -18.84 -10.84 28.96
N GLU A 65 -17.60 -10.46 28.69
CA GLU A 65 -17.26 -9.07 28.47
C GLU A 65 -17.62 -8.65 27.07
N LEU A 66 -18.20 -7.46 26.95
CA LEU A 66 -18.60 -6.95 25.68
C LEU A 66 -17.52 -6.04 25.16
N PRO A 67 -17.24 -6.12 23.85
CA PRO A 67 -16.35 -5.15 23.22
C PRO A 67 -16.81 -3.70 23.47
N LYS A 68 -15.88 -2.76 23.35
CA LYS A 68 -16.20 -1.35 23.48
C LYS A 68 -16.53 -0.81 22.12
N THR A 69 -17.54 0.06 22.05
CA THR A 69 -17.95 0.67 20.80
C THR A 69 -17.85 2.19 20.93
N PHE A 70 -17.25 2.82 19.92
CA PHE A 70 -17.09 4.25 19.88
C PHE A 70 -17.79 4.80 18.67
N THR A 71 -18.44 5.95 18.80
CA THR A 71 -19.16 6.54 17.67
C THR A 71 -18.53 7.83 17.19
N PHE A 72 -18.36 7.93 15.87
CA PHE A 72 -17.75 9.08 15.24
C PHE A 72 -18.59 9.58 14.09
N ASP A 73 -18.27 10.78 13.61
CA ASP A 73 -18.98 11.37 12.48
C ASP A 73 -18.88 10.52 11.20
N ALA A 74 -17.75 9.86 11.01
CA ALA A 74 -17.57 8.91 9.93
C ALA A 74 -16.45 7.96 10.31
N VAL A 75 -16.52 6.72 9.79
CA VAL A 75 -15.45 5.75 9.94
C VAL A 75 -15.08 5.19 8.58
N TYR A 76 -13.81 4.81 8.43
CA TYR A 76 -13.28 4.27 7.19
C TYR A 76 -12.50 3.02 7.53
N ASP A 77 -12.78 1.94 6.81
CA ASP A 77 -12.17 0.66 7.13
C ASP A 77 -11.24 0.24 6.01
N ALA A 78 -10.66 -0.95 6.13
CA ALA A 78 -9.62 -1.43 5.20
C ALA A 78 -9.96 -1.23 3.70
N SER A 79 -11.22 -1.49 3.32
CA SER A 79 -11.65 -1.37 1.91
C SER A 79 -12.08 0.05 1.51
N SER A 80 -11.93 1.03 2.41
CA SER A 80 -12.28 2.42 2.10
C SER A 80 -11.20 3.06 1.25
N LYS A 81 -11.60 3.72 0.16
CA LYS A 81 -10.63 4.31 -0.80
C LYS A 81 -10.29 5.75 -0.45
N GLN A 82 -9.15 6.22 -0.96
CA GLN A 82 -8.64 7.56 -0.66
C GLN A 82 -9.62 8.66 -1.12
N ALA A 83 -10.25 8.51 -2.28
CA ALA A 83 -11.21 9.54 -2.76
C ALA A 83 -12.44 9.66 -1.84
N ASP A 84 -12.90 8.54 -1.28
CA ASP A 84 -14.05 8.54 -0.37
C ASP A 84 -13.73 9.46 0.80
N LEU A 85 -12.64 9.17 1.49
CA LEU A 85 -12.26 9.95 2.66
C LEU A 85 -12.11 11.42 2.31
N TYR A 86 -11.57 11.73 1.13
CA TYR A 86 -11.42 13.12 0.74
C TYR A 86 -12.80 13.77 0.47
N ASP A 87 -13.57 13.18 -0.45
CA ASP A 87 -14.84 13.81 -0.92
C ASP A 87 -15.92 13.91 0.14
N GLU A 88 -15.87 13.03 1.12
CA GLU A 88 -16.90 12.99 2.15
C GLU A 88 -16.55 13.80 3.41
N THR A 89 -15.30 13.74 3.84
CA THR A 89 -14.90 14.36 5.11
C THR A 89 -14.11 15.68 4.92
N VAL A 90 -13.17 15.69 3.98
CA VAL A 90 -12.19 16.78 3.87
C VAL A 90 -12.52 17.83 2.82
N ARG A 91 -13.11 17.42 1.69
CA ARG A 91 -13.42 18.36 0.61
C ARG A 91 -14.20 19.61 1.08
N PRO A 92 -15.22 19.42 1.93
CA PRO A 92 -15.92 20.62 2.43
C PRO A 92 -15.07 21.53 3.30
N LEU A 93 -14.10 20.96 4.02
CA LEU A 93 -13.18 21.78 4.83
C LEU A 93 -12.37 22.68 3.91
N ILE A 94 -11.91 22.13 2.80
CA ILE A 94 -11.09 22.89 1.86
C ILE A 94 -11.87 23.92 1.05
N ASP A 95 -13.15 23.67 0.81
CA ASP A 95 -14.04 24.65 0.19
C ASP A 95 -14.23 25.87 1.10
N SER A 96 -14.36 25.63 2.40
CA SER A 96 -14.37 26.71 3.40
C SER A 96 -13.06 27.52 3.38
N VAL A 97 -11.92 26.83 3.32
CA VAL A 97 -10.63 27.51 3.23
C VAL A 97 -10.61 28.43 2.00
N LEU A 98 -11.22 27.97 0.91
CA LEU A 98 -11.30 28.76 -0.32
C LEU A 98 -12.13 30.01 -0.13
N GLN A 99 -13.01 30.01 0.87
CA GLN A 99 -13.90 31.14 1.18
C GLN A 99 -13.39 32.00 2.35
N GLY A 100 -12.15 31.78 2.75
CA GLY A 100 -11.50 32.64 3.75
C GLY A 100 -11.63 32.14 5.17
N PHE A 101 -11.79 30.83 5.34
CA PHE A 101 -11.72 30.23 6.66
C PHE A 101 -10.36 29.62 6.84
N ASN A 102 -9.99 29.40 8.10
CA ASN A 102 -8.80 28.64 8.45
C ASN A 102 -9.24 27.23 8.74
N GLY A 103 -8.50 26.27 8.20
CA GLY A 103 -8.82 24.85 8.37
C GLY A 103 -7.63 24.07 8.84
N THR A 104 -7.87 22.97 9.51
CA THR A 104 -6.77 22.10 9.94
C THR A 104 -7.20 20.66 9.80
N VAL A 105 -6.35 19.83 9.21
CA VAL A 105 -6.53 18.38 9.26
C VAL A 105 -5.31 17.80 9.93
N PHE A 106 -5.52 16.92 10.90
CA PHE A 106 -4.38 16.24 11.53
C PHE A 106 -4.66 14.76 11.79
N ALA A 107 -3.64 13.95 11.53
CA ALA A 107 -3.69 12.50 11.69
C ALA A 107 -3.04 12.10 13.03
N TYR A 108 -3.82 11.47 13.92
CA TYR A 108 -3.35 11.00 15.22
C TYR A 108 -3.48 9.46 15.26
N GLY A 109 -2.38 8.79 15.63
CA GLY A 109 -2.39 7.35 15.71
C GLY A 109 -1.05 6.71 15.94
N GLN A 110 -1.10 5.42 16.23
CA GLN A 110 0.09 4.62 16.47
C GLN A 110 0.95 4.61 15.21
N THR A 111 2.27 4.55 15.39
CA THR A 111 3.18 4.34 14.26
C THR A 111 2.78 3.08 13.48
N GLY A 112 2.78 3.18 12.17
CA GLY A 112 2.42 2.07 11.32
C GLY A 112 0.94 1.98 10.96
N THR A 113 0.10 2.84 11.55
CA THR A 113 -1.35 2.72 11.35
C THR A 113 -1.90 3.55 10.18
N GLY A 114 -1.06 4.33 9.51
CA GLY A 114 -1.47 5.02 8.28
C GLY A 114 -1.67 6.53 8.36
N LYS A 115 -1.00 7.20 9.30
CA LYS A 115 -1.05 8.69 9.34
C LYS A 115 -0.50 9.32 8.06
N THR A 116 0.63 8.81 7.56
CA THR A 116 1.23 9.33 6.35
C THR A 116 0.44 8.92 5.09
N TYR A 117 -0.03 7.68 5.07
CA TYR A 117 -0.80 7.15 3.95
C TYR A 117 -2.03 8.04 3.75
N THR A 118 -2.61 8.43 4.87
CA THR A 118 -3.80 9.27 4.88
C THR A 118 -3.50 10.70 4.41
N MET A 119 -2.41 11.28 4.91
CA MET A 119 -2.11 12.69 4.68
C MET A 119 -1.42 12.98 3.32
N GLN A 120 -0.46 12.16 2.95
CA GLN A 120 0.25 12.32 1.66
C GLN A 120 -0.16 11.29 0.68
N GLY A 121 -0.26 10.05 1.17
CA GLY A 121 -0.28 8.89 0.34
C GLY A 121 1.15 8.35 0.31
N THR A 122 1.27 7.04 0.12
CA THR A 122 2.56 6.45 -0.09
C THR A 122 2.81 6.38 -1.60
N TRP A 123 1.74 6.31 -2.38
CA TRP A 123 1.84 6.34 -3.85
C TRP A 123 1.31 7.65 -4.41
N VAL A 124 1.75 8.00 -5.61
CA VAL A 124 1.47 9.33 -6.20
C VAL A 124 0.27 9.35 -7.19
N GLU A 125 -0.17 8.17 -7.64
CA GLU A 125 -1.29 8.02 -8.61
C GLU A 125 -2.59 8.62 -8.09
N PRO A 126 -3.38 9.25 -8.98
CA PRO A 126 -4.57 9.97 -8.50
C PRO A 126 -5.52 9.16 -7.60
N GLU A 127 -5.64 7.86 -7.81
CA GLU A 127 -6.56 7.04 -7.02
C GLU A 127 -5.99 6.69 -5.64
N LEU A 128 -4.68 6.87 -5.47
CA LEU A 128 -4.00 6.43 -4.25
C LEU A 128 -3.39 7.57 -3.42
N ARG A 129 -3.37 8.79 -3.98
CA ARG A 129 -2.94 10.02 -3.25
C ARG A 129 -3.65 10.20 -1.90
N GLY A 130 -3.00 10.91 -0.98
CA GLY A 130 -3.58 11.22 0.34
C GLY A 130 -4.27 12.56 0.29
N VAL A 131 -4.51 13.19 1.45
CA VAL A 131 -5.34 14.38 1.47
C VAL A 131 -4.57 15.58 0.94
N ILE A 132 -3.25 15.64 1.16
CA ILE A 132 -2.45 16.81 0.73
C ILE A 132 -2.46 16.96 -0.79
N PRO A 133 -2.03 15.92 -1.54
CA PRO A 133 -2.03 16.04 -3.00
C PRO A 133 -3.44 16.22 -3.63
N ASN A 134 -4.49 15.75 -2.95
CA ASN A 134 -5.87 15.95 -3.42
C ASN A 134 -6.34 17.36 -3.16
N ALA A 135 -5.96 17.90 -2.01
CA ALA A 135 -6.22 19.29 -1.69
C ALA A 135 -5.63 20.18 -2.83
N PHE A 136 -4.39 19.89 -3.27
CA PHE A 136 -3.75 20.64 -4.39
C PHE A 136 -4.62 20.62 -5.66
N GLU A 137 -4.99 19.40 -6.10
CA GLU A 137 -5.91 19.18 -7.23
C GLU A 137 -7.16 20.02 -7.05
N HIS A 138 -7.80 19.89 -5.89
CA HIS A 138 -9.04 20.60 -5.58
C HIS A 138 -8.83 22.10 -5.72
N ILE A 139 -7.88 22.63 -4.97
CA ILE A 139 -7.61 24.06 -4.89
C ILE A 139 -7.40 24.72 -6.24
N PHE A 140 -6.56 24.12 -7.08
CA PHE A 140 -6.21 24.74 -8.38
C PHE A 140 -7.26 24.51 -9.47
N THR A 141 -8.02 23.41 -9.38
CA THR A 141 -9.20 23.27 -10.24
C THR A 141 -10.21 24.38 -9.93
N HIS A 142 -10.51 24.60 -8.65
CA HIS A 142 -11.40 25.70 -8.26
C HIS A 142 -10.90 27.00 -8.87
N ILE A 143 -9.63 27.34 -8.58
CA ILE A 143 -9.02 28.61 -9.03
C ILE A 143 -9.25 28.81 -10.51
N SER A 144 -8.91 27.81 -11.30
CA SER A 144 -9.00 27.93 -12.77
C SER A 144 -10.44 27.88 -13.30
N ARG A 145 -11.38 27.35 -12.50
CA ARG A 145 -12.81 27.50 -12.82
C ARG A 145 -13.29 28.92 -12.45
N SER A 146 -12.54 29.59 -11.58
CA SER A 146 -12.96 30.87 -11.05
C SER A 146 -13.00 31.96 -12.13
N GLN A 147 -13.71 33.04 -11.83
CA GLN A 147 -13.80 34.18 -12.75
C GLN A 147 -13.85 35.47 -11.95
N ASN A 148 -13.33 36.55 -12.54
CA ASN A 148 -13.27 37.84 -11.88
C ASN A 148 -12.71 37.73 -10.43
N GLN A 149 -11.74 36.83 -10.24
CA GLN A 149 -11.17 36.57 -8.92
C GLN A 149 -9.72 36.12 -9.02
N GLN A 150 -8.82 36.79 -8.29
CA GLN A 150 -7.42 36.39 -8.27
C GLN A 150 -7.13 35.70 -6.98
N TYR A 151 -6.51 34.54 -7.07
CA TYR A 151 -6.05 33.82 -5.91
C TYR A 151 -4.53 33.81 -5.91
N LEU A 152 -3.95 33.99 -4.73
CA LEU A 152 -2.51 33.79 -4.48
C LEU A 152 -2.38 32.64 -3.47
N VAL A 153 -1.78 31.54 -3.93
CA VAL A 153 -1.54 30.38 -3.10
C VAL A 153 -0.06 30.34 -2.72
N ARG A 154 0.20 30.18 -1.41
CA ARG A 154 1.58 30.01 -0.88
C ARG A 154 1.64 28.75 -0.03
N ALA A 155 2.80 28.10 -0.03
CA ALA A 155 2.93 26.84 0.70
C ALA A 155 4.15 26.89 1.62
N SER A 156 3.97 26.41 2.85
CA SER A 156 5.08 26.22 3.78
C SER A 156 5.08 24.79 4.37
N TYR A 157 6.26 24.33 4.74
CA TYR A 157 6.45 22.95 5.11
C TYR A 157 7.50 22.88 6.22
N LEU A 158 7.05 22.55 7.43
CA LEU A 158 7.94 22.53 8.58
C LEU A 158 7.83 21.22 9.38
N GLU A 159 8.73 21.05 10.33
CA GLU A 159 8.74 19.89 11.19
C GLU A 159 9.05 20.32 12.61
N ILE A 160 8.28 19.80 13.56
CA ILE A 160 8.61 19.93 14.98
C ILE A 160 9.27 18.64 15.40
N TYR A 161 10.51 18.71 15.82
CA TYR A 161 11.19 17.55 16.35
C TYR A 161 11.99 17.96 17.59
N GLN A 162 11.66 17.33 18.73
CA GLN A 162 12.20 17.65 20.04
C GLN A 162 11.92 19.12 20.42
N GLU A 163 10.72 19.57 20.08
CA GLU A 163 10.34 20.96 20.24
C GLU A 163 11.41 21.92 19.70
N GLU A 164 11.87 21.61 18.49
CA GLU A 164 12.60 22.54 17.65
C GLU A 164 11.84 22.55 16.32
N ILE A 165 11.37 23.72 15.90
CA ILE A 165 10.75 23.86 14.60
C ILE A 165 11.86 23.91 13.58
N ARG A 166 11.76 23.08 12.56
CA ARG A 166 12.74 23.01 11.50
C ARG A 166 11.99 23.43 10.24
N ASP A 167 12.64 24.20 9.36
CA ASP A 167 12.00 24.52 8.07
C ASP A 167 12.52 23.54 7.05
N LEU A 168 11.60 22.80 6.47
CA LEU A 168 11.96 21.76 5.53
C LEU A 168 12.38 22.31 4.16
N LEU A 169 12.01 23.55 3.86
CA LEU A 169 12.31 24.15 2.56
C LEU A 169 13.49 25.16 2.55
N SER A 170 14.22 25.31 3.65
CA SER A 170 15.34 26.29 3.75
C SER A 170 16.21 26.28 2.50
N LYS A 175 16.03 24.87 8.79
CA LYS A 175 16.73 25.55 9.89
C LYS A 175 15.86 25.62 11.16
N ARG A 176 16.52 25.78 12.31
CA ARG A 176 15.86 26.04 13.60
C ARG A 176 15.14 27.39 13.52
N LEU A 177 13.84 27.39 13.80
CA LEU A 177 13.02 28.61 13.75
C LEU A 177 12.37 28.89 15.11
N GLU A 178 12.10 30.18 15.36
CA GLU A 178 11.55 30.65 16.63
C GLU A 178 10.08 31.02 16.49
N LEU A 179 9.37 30.94 17.61
CA LEU A 179 7.92 31.19 17.67
C LEU A 179 7.71 32.55 18.34
N LYS A 180 6.88 33.39 17.73
CA LYS A 180 6.58 34.74 18.26
C LYS A 180 5.07 34.98 18.27
N GLU A 181 4.58 35.67 19.29
CA GLU A 181 3.12 35.90 19.50
C GLU A 181 2.77 37.40 19.55
N ASN A 182 2.57 38.00 18.37
CA ASN A 182 2.18 39.42 18.22
C ASN A 182 0.65 39.61 18.38
N PRO A 183 0.22 40.81 18.82
CA PRO A 183 -1.13 41.02 19.36
C PRO A 183 -2.26 40.90 18.32
N GLU A 184 -2.20 41.71 17.27
CA GLU A 184 -3.20 41.67 16.20
C GLU A 184 -3.07 40.38 15.37
N THR A 185 -1.94 40.22 14.68
CA THR A 185 -1.69 39.08 13.77
C THR A 185 -1.88 37.72 14.46
N GLY A 186 -1.16 37.53 15.59
CA GLY A 186 -1.31 36.30 16.42
C GLY A 186 -0.01 35.55 16.67
N VAL A 187 -0.08 34.22 16.64
CA VAL A 187 1.11 33.38 16.82
C VAL A 187 1.70 33.05 15.47
N TYR A 188 2.97 33.37 15.26
CA TYR A 188 3.64 33.11 13.98
C TYR A 188 5.06 32.60 14.16
N ILE A 189 5.68 32.22 13.05
CA ILE A 189 7.06 31.71 13.00
C ILE A 189 7.97 32.70 12.26
N LYS A 190 9.09 33.04 12.89
CA LYS A 190 10.05 33.96 12.30
C LYS A 190 10.78 33.26 11.14
N ASP A 191 10.84 33.95 10.00
CA ASP A 191 11.67 33.55 8.85
C ASP A 191 11.21 32.26 8.15
N LEU A 192 9.95 31.88 8.36
CA LEU A 192 9.46 30.66 7.70
C LEU A 192 9.34 30.91 6.21
N SER A 193 10.10 30.17 5.41
CA SER A 193 10.03 30.30 3.97
C SER A 193 8.63 29.90 3.51
N SER A 194 8.22 30.45 2.37
CA SER A 194 6.84 30.36 1.94
C SER A 194 6.79 30.62 0.47
N PHE A 195 6.78 29.55 -0.32
CA PHE A 195 6.87 29.66 -1.76
C PHE A 195 5.52 29.88 -2.39
N VAL A 196 5.49 30.78 -3.38
CA VAL A 196 4.27 31.03 -4.15
C VAL A 196 4.14 29.99 -5.27
N THR A 197 2.92 29.47 -5.46
CA THR A 197 2.68 28.29 -6.31
C THR A 197 1.52 28.52 -7.28
N LYS A 198 1.85 28.68 -8.57
CA LYS A 198 0.83 28.85 -9.63
C LYS A 198 0.12 27.53 -10.02
N ASN A 199 0.77 26.39 -9.75
CA ASN A 199 0.37 25.08 -10.26
C ASN A 199 0.24 24.06 -9.17
N VAL A 200 -0.50 23.01 -9.48
CA VAL A 200 -0.38 21.73 -8.79
C VAL A 200 1.06 21.19 -8.98
N LYS A 201 1.60 21.37 -10.18
CA LYS A 201 2.98 21.00 -10.47
C LYS A 201 3.97 21.68 -9.51
N GLU A 202 3.77 22.99 -9.29
CA GLU A 202 4.68 23.77 -8.44
C GLU A 202 4.51 23.48 -6.96
N ILE A 203 3.28 23.30 -6.51
CA ILE A 203 3.04 22.97 -5.10
C ILE A 203 3.41 21.51 -4.79
N GLU A 204 3.32 20.64 -5.81
CA GLU A 204 3.79 19.27 -5.67
C GLU A 204 5.31 19.22 -5.56
N HIS A 205 5.99 20.17 -6.21
CA HIS A 205 7.48 20.25 -6.14
C HIS A 205 7.95 20.67 -4.75
N VAL A 206 7.22 21.57 -4.13
CA VAL A 206 7.51 22.03 -2.78
C VAL A 206 7.42 20.87 -1.78
N MET A 207 6.32 20.14 -1.83
CA MET A 207 6.14 18.98 -0.97
C MET A 207 7.18 17.90 -1.24
N ASN A 208 7.60 17.78 -2.50
CA ASN A 208 8.64 16.84 -2.86
C ASN A 208 9.96 17.24 -2.22
N LEU A 209 10.33 18.51 -2.31
CA LEU A 209 11.60 18.99 -1.73
C LEU A 209 11.58 18.92 -0.20
N GLY A 210 10.42 19.15 0.39
CA GLY A 210 10.26 19.04 1.82
C GLY A 210 10.46 17.62 2.30
N ASN A 211 9.86 16.66 1.61
CA ASN A 211 10.02 15.23 1.94
C ASN A 211 11.46 14.79 1.72
N GLN A 212 12.11 15.36 0.73
CA GLN A 212 13.49 15.05 0.45
C GLN A 212 14.38 15.47 1.64
N THR A 213 14.01 16.54 2.34
CA THR A 213 14.76 17.03 3.49
C THR A 213 14.53 16.18 4.74
N ARG A 214 13.34 15.63 4.90
CA ARG A 214 13.02 14.77 6.04
C ARG A 214 13.97 13.59 6.13
N SER A 225 11.05 10.26 11.91
CA SER A 225 9.85 10.50 11.08
C SER A 225 8.59 10.03 11.84
N SER A 226 8.73 8.94 12.58
CA SER A 226 7.72 8.48 13.53
C SER A 226 7.80 9.22 14.89
N ARG A 227 8.90 9.94 15.13
CA ARG A 227 9.02 10.75 16.33
C ARG A 227 8.77 12.23 16.08
N SER A 228 8.77 12.66 14.83
CA SER A 228 8.55 14.07 14.50
C SER A 228 7.11 14.37 14.07
N HIS A 229 6.73 15.63 14.14
CA HIS A 229 5.48 16.12 13.60
C HIS A 229 5.77 16.83 12.30
N ALA A 230 4.96 16.59 11.27
CA ALA A 230 5.11 17.33 10.01
C ALA A 230 3.88 18.21 9.77
N ILE A 231 4.11 19.48 9.43
CA ILE A 231 3.06 20.45 9.14
C ILE A 231 3.26 21.02 7.74
N PHE A 232 2.24 20.88 6.91
CA PHE A 232 2.21 21.48 5.60
C PHE A 232 1.15 22.56 5.66
N ILE A 233 1.54 23.78 5.30
CA ILE A 233 0.64 24.94 5.36
C ILE A 233 0.36 25.49 3.98
N ILE A 234 -0.93 25.67 3.67
CA ILE A 234 -1.37 26.32 2.44
C ILE A 234 -2.12 27.59 2.80
N THR A 235 -1.66 28.72 2.26
CA THR A 235 -2.43 29.95 2.36
C THR A 235 -3.01 30.30 1.01
N VAL A 236 -4.22 30.85 1.04
CA VAL A 236 -4.92 31.26 -0.14
C VAL A 236 -5.43 32.65 0.13
N GLU A 237 -4.75 33.64 -0.43
CA GLU A 237 -5.27 35.00 -0.45
C GLU A 237 -6.14 35.06 -1.70
N CYS A 238 -7.27 35.76 -1.63
CA CYS A 238 -8.22 35.83 -2.74
C CYS A 238 -8.78 37.25 -2.91
N SER A 239 -8.68 37.80 -4.11
CA SER A 239 -9.13 39.19 -4.38
C SER A 239 -10.23 39.27 -5.42
N GLU A 240 -11.31 39.98 -5.10
CA GLU A 240 -12.44 40.18 -6.02
C GLU A 240 -12.83 41.66 -6.04
N HIS A 248 -12.14 43.78 -0.40
CA HIS A 248 -12.15 42.91 -1.57
C HIS A 248 -11.18 41.71 -1.44
N ILE A 249 -10.56 41.48 -0.27
CA ILE A 249 -9.59 40.37 -0.11
C ILE A 249 -9.86 39.46 1.08
N ARG A 250 -9.85 38.14 0.83
CA ARG A 250 -9.97 37.12 1.88
C ARG A 250 -8.68 36.35 2.00
N VAL A 251 -8.48 35.72 3.15
CA VAL A 251 -7.33 34.86 3.36
C VAL A 251 -7.74 33.65 4.20
N GLY A 252 -7.43 32.45 3.70
CA GLY A 252 -7.66 31.23 4.42
C GLY A 252 -6.37 30.44 4.58
N LYS A 253 -6.12 29.93 5.77
CA LYS A 253 -4.95 29.11 6.03
C LYS A 253 -5.40 27.67 6.21
N LEU A 254 -4.63 26.74 5.68
CA LEU A 254 -4.88 25.33 5.88
C LEU A 254 -3.64 24.66 6.47
N ASN A 255 -3.82 24.03 7.63
CA ASN A 255 -2.75 23.25 8.24
C ASN A 255 -3.00 21.79 8.00
N LEU A 256 -2.05 21.13 7.36
CA LEU A 256 -2.15 19.72 7.12
C LEU A 256 -1.03 19.09 7.93
N VAL A 257 -1.43 18.44 9.04
CA VAL A 257 -0.51 17.99 10.08
C VAL A 257 -0.45 16.45 10.11
N ASP A 258 0.76 15.91 10.12
CA ASP A 258 1.00 14.47 10.32
C ASP A 258 1.82 14.31 11.63
N LEU A 259 1.15 13.88 12.69
CA LEU A 259 1.73 13.91 14.02
C LEU A 259 2.68 12.77 14.26
N ALA A 260 3.56 12.94 15.24
CA ALA A 260 4.36 11.84 15.78
C ALA A 260 3.43 10.70 16.24
N GLY A 261 3.86 9.46 16.05
CA GLY A 261 3.12 8.28 16.52
C GLY A 261 2.74 8.37 17.98
N SER A 262 1.54 7.95 18.34
CA SER A 262 1.10 8.03 19.72
C SER A 262 1.70 6.93 20.63
N GLU A 263 2.67 6.15 20.11
CA GLU A 263 3.37 5.06 20.85
C GLU A 263 2.45 4.15 21.62
N ASN A 306 8.30 12.49 24.23
CA ASN A 306 7.58 13.34 23.29
C ASN A 306 6.64 14.31 24.03
N LEU A 307 7.17 15.49 24.34
CA LEU A 307 6.47 16.51 25.13
C LEU A 307 5.26 17.10 24.40
N SER A 308 5.30 17.13 23.06
CA SER A 308 4.25 17.76 22.28
C SER A 308 2.96 16.93 22.27
N LEU A 309 3.07 15.61 22.13
CA LEU A 309 1.88 14.73 22.18
C LEU A 309 1.23 14.78 23.58
N SER A 310 2.06 14.93 24.61
CA SER A 310 1.58 15.12 25.96
C SER A 310 0.85 16.46 26.14
N ALA A 311 1.43 17.54 25.62
CA ALA A 311 0.76 18.83 25.65
C ALA A 311 -0.60 18.73 24.93
N LEU A 312 -0.59 18.19 23.70
CA LEU A 312 -1.84 17.99 22.94
C LEU A 312 -2.83 17.17 23.75
N GLY A 313 -2.35 16.09 24.37
CA GLY A 313 -3.15 15.31 25.31
C GLY A 313 -3.82 16.16 26.39
N ASN A 314 -3.07 17.08 27.00
CA ASN A 314 -3.62 17.89 28.09
C ASN A 314 -4.54 19.02 27.61
N VAL A 315 -4.20 19.64 26.49
CA VAL A 315 -5.05 20.69 25.91
C VAL A 315 -6.45 20.12 25.58
N ILE A 316 -6.48 19.01 24.84
CA ILE A 316 -7.75 18.32 24.50
C ILE A 316 -8.56 18.00 25.75
N ALA A 317 -7.89 17.52 26.79
CA ALA A 317 -8.55 17.12 28.02
C ALA A 317 -9.14 18.34 28.74
N ALA A 318 -8.42 19.46 28.71
CA ALA A 318 -8.91 20.68 29.34
C ALA A 318 -10.10 21.18 28.54
N LEU A 319 -9.96 21.25 27.23
CA LEU A 319 -11.02 21.75 26.35
C LEU A 319 -12.29 20.91 26.43
N ALA A 320 -12.14 19.58 26.40
CA ALA A 320 -13.29 18.63 26.39
C ALA A 320 -13.74 18.28 27.80
N HIS A 326 -8.35 26.92 32.28
CA HIS A 326 -6.96 27.02 31.85
C HIS A 326 -6.50 25.92 30.87
N ILE A 327 -6.45 26.27 29.60
CA ILE A 327 -5.93 25.37 28.57
C ILE A 327 -4.43 25.65 28.41
N PRO A 328 -3.58 24.62 28.60
CA PRO A 328 -2.14 24.85 28.53
C PRO A 328 -1.59 24.73 27.10
N TYR A 329 -1.81 25.76 26.28
CA TYR A 329 -1.28 25.81 24.91
C TYR A 329 0.24 26.00 24.90
N ARG A 330 0.74 26.79 25.86
CA ARG A 330 2.17 27.13 25.93
C ARG A 330 3.07 25.96 26.38
N ASP A 331 2.49 24.81 26.72
CA ASP A 331 3.29 23.63 27.11
C ASP A 331 4.01 22.93 25.94
N SER A 332 3.72 23.32 24.70
CA SER A 332 4.48 22.81 23.56
C SER A 332 4.40 23.71 22.35
N LYS A 333 5.47 23.74 21.58
CA LYS A 333 5.48 24.42 20.30
C LYS A 333 4.26 24.00 19.46
N LEU A 334 3.89 22.72 19.53
CA LEU A 334 2.78 22.20 18.72
C LEU A 334 1.43 22.78 19.10
N THR A 335 1.16 22.86 20.41
CA THR A 335 -0.14 23.34 20.86
C THR A 335 -0.25 24.87 20.83
N ARG A 336 0.88 25.57 20.82
CA ARG A 336 0.89 27.01 20.53
C ARG A 336 0.51 27.28 19.06
N LEU A 337 1.04 26.49 18.14
CA LEU A 337 0.73 26.62 16.71
C LEU A 337 -0.71 26.26 16.39
N LEU A 338 -1.17 25.11 16.89
CA LEU A 338 -2.55 24.65 16.69
C LEU A 338 -3.55 25.35 17.62
N GLN A 339 -3.07 26.30 18.42
CA GLN A 339 -3.93 27.08 19.30
C GLN A 339 -5.28 27.39 18.66
N ASP A 340 -5.26 27.92 17.44
CA ASP A 340 -6.51 28.24 16.73
C ASP A 340 -7.37 27.04 16.34
N SER A 341 -6.73 25.92 15.97
CA SER A 341 -7.46 24.70 15.56
C SER A 341 -8.13 23.95 16.75
N LEU A 342 -7.78 24.33 17.97
CA LEU A 342 -8.23 23.64 19.17
C LEU A 342 -8.87 24.63 20.15
N GLY A 343 -10.14 24.98 19.89
CA GLY A 343 -10.90 25.92 20.68
C GLY A 343 -10.82 27.33 20.14
N GLY A 344 -10.43 27.48 18.87
CA GLY A 344 -10.19 28.80 18.29
C GLY A 344 -10.82 29.10 16.92
N ASN A 345 -10.12 29.94 16.16
CA ASN A 345 -10.64 30.47 14.89
C ASN A 345 -10.27 29.56 13.73
N ALA A 346 -10.85 28.37 13.70
CA ALA A 346 -10.58 27.38 12.63
C ALA A 346 -11.58 26.22 12.62
N LYS A 347 -11.76 25.65 11.43
CA LYS A 347 -12.48 24.38 11.24
C LYS A 347 -11.45 23.23 11.29
N THR A 348 -11.66 22.28 12.17
CA THR A 348 -10.69 21.22 12.40
C THR A 348 -11.29 19.84 12.19
N ILE A 349 -10.50 18.97 11.57
CA ILE A 349 -10.83 17.58 11.42
C ILE A 349 -9.71 16.79 12.04
N MET A 350 -10.03 15.87 12.93
CA MET A 350 -9.04 14.88 13.37
C MET A 350 -9.28 13.57 12.61
N VAL A 351 -8.21 12.98 12.09
CA VAL A 351 -8.29 11.64 11.54
C VAL A 351 -7.63 10.72 12.55
N ALA A 352 -8.44 9.97 13.31
CA ALA A 352 -7.87 8.96 14.23
C ALA A 352 -7.51 7.68 13.45
N THR A 353 -6.21 7.41 13.29
CA THR A 353 -5.80 6.23 12.52
C THR A 353 -5.47 5.03 13.43
N LEU A 354 -5.93 3.85 13.01
CA LEU A 354 -5.91 2.63 13.83
C LEU A 354 -5.43 1.38 13.08
N GLY A 355 -4.90 0.43 13.85
CA GLY A 355 -4.46 -0.86 13.30
C GLY A 355 -5.44 -1.91 13.78
N PRO A 356 -5.81 -2.85 12.90
CA PRO A 356 -6.86 -3.79 13.25
C PRO A 356 -6.42 -4.94 14.20
N ALA A 357 -5.12 -5.03 14.51
CA ALA A 357 -4.51 -6.25 15.06
C ALA A 357 -4.51 -6.31 16.58
N SER A 358 -4.40 -7.55 17.08
CA SER A 358 -4.46 -7.83 18.53
C SER A 358 -3.22 -7.41 19.32
N HIS A 359 -2.10 -7.20 18.65
CA HIS A 359 -0.88 -6.79 19.35
C HIS A 359 -0.94 -5.33 19.84
N SER A 360 -1.99 -4.58 19.51
CA SER A 360 -2.02 -3.15 19.82
C SER A 360 -3.40 -2.69 20.30
N TYR A 361 -4.03 -3.55 21.10
CA TYR A 361 -5.26 -3.24 21.78
C TYR A 361 -5.16 -1.94 22.59
N ASP A 362 -4.10 -1.83 23.39
CA ASP A 362 -3.92 -0.68 24.28
C ASP A 362 -3.61 0.60 23.53
N GLU A 363 -2.82 0.50 22.47
CA GLU A 363 -2.55 1.69 21.65
C GLU A 363 -3.81 2.16 20.92
N SER A 364 -4.58 1.22 20.37
CA SER A 364 -5.89 1.54 19.73
C SER A 364 -6.87 2.16 20.72
N LEU A 365 -7.04 1.51 21.86
CA LEU A 365 -7.89 2.02 22.92
C LEU A 365 -7.53 3.46 23.25
N SER A 366 -6.24 3.71 23.50
CA SER A 366 -5.79 5.07 23.78
C SER A 366 -6.21 6.05 22.68
N THR A 367 -6.07 5.66 21.40
CA THR A 367 -6.43 6.55 20.25
C THR A 367 -7.91 6.82 20.21
N LEU A 368 -8.71 5.77 20.47
CA LEU A 368 -10.16 5.86 20.36
C LEU A 368 -10.69 6.77 21.46
N ARG A 369 -10.21 6.54 22.68
CA ARG A 369 -10.49 7.41 23.84
C ARG A 369 -10.10 8.86 23.60
N PHE A 370 -8.95 9.07 22.96
CA PHE A 370 -8.48 10.42 22.62
C PHE A 370 -9.38 11.03 21.54
N ALA A 371 -9.70 10.26 20.51
CA ALA A 371 -10.60 10.75 19.47
C ALA A 371 -11.98 11.05 20.03
N ASN A 372 -12.35 10.35 21.10
CA ASN A 372 -13.66 10.50 21.69
C ASN A 372 -13.80 11.77 22.56
N ARG A 373 -12.72 12.13 23.23
CA ARG A 373 -12.63 13.42 23.92
C ARG A 373 -12.68 14.55 22.90
N ALA A 374 -11.85 14.44 21.86
CA ALA A 374 -11.71 15.49 20.85
C ALA A 374 -13.05 15.93 20.26
N LYS A 375 -13.97 15.00 20.02
CA LYS A 375 -15.26 15.37 19.39
C LYS A 375 -16.16 16.28 20.25
N ASN A 376 -15.84 16.43 21.54
CA ASN A 376 -16.53 17.42 22.42
C ASN A 376 -15.73 18.72 22.55
N ILE A 377 -15.04 19.12 21.49
CA ILE A 377 -14.34 20.41 21.47
C ILE A 377 -15.02 21.33 20.49
N LYS A 378 -15.30 22.54 20.93
CA LYS A 378 -16.02 23.52 20.13
C LYS A 378 -15.06 24.64 19.70
N ASN A 379 -14.93 24.83 18.37
CA ASN A 379 -14.22 25.97 17.77
C ASN A 379 -15.22 27.09 17.41
N LYS A 380 -14.71 28.28 17.12
CA LYS A 380 -15.53 29.38 16.60
C LYS A 380 -14.86 29.95 15.33
N PRO A 381 -14.99 29.26 14.19
CA PRO A 381 -14.38 29.76 12.93
C PRO A 381 -15.06 31.02 12.40
N ARG A 382 -14.25 32.02 12.03
CA ARG A 382 -14.71 33.24 11.35
C ARG A 382 -14.10 33.34 9.96
N VAL A 383 -14.74 34.07 9.05
CA VAL A 383 -14.13 34.42 7.77
C VAL A 383 -13.14 35.59 7.98
N ASN A 384 -12.01 35.52 7.29
CA ASN A 384 -10.86 36.37 7.57
C ASN A 384 -10.64 37.49 6.56
N GLU A 385 -10.46 38.72 7.06
CA GLU A 385 -10.01 39.84 6.25
C GLU A 385 -8.51 39.70 6.06
N ASP A 386 -7.99 40.43 5.08
CA ASP A 386 -6.59 40.33 4.66
C ASP A 386 -6.10 41.75 4.29
N PRO A 387 -4.95 42.19 4.85
CA PRO A 387 -4.54 43.58 4.57
C PRO A 387 -4.11 43.80 3.13
N LYS A 388 -4.17 45.06 2.69
CA LYS A 388 -3.65 45.44 1.39
C LYS A 388 -2.22 44.92 1.32
N ASP A 389 -1.41 45.33 2.29
CA ASP A 389 0.01 44.98 2.33
C ASP A 389 0.24 43.58 2.97
N THR A 390 0.37 42.56 2.15
CA THR A 390 0.75 41.22 2.62
C THR A 390 2.10 40.79 1.98
N LEU A 391 3.04 41.74 1.85
CA LEU A 391 4.36 41.46 1.24
C LEU A 391 5.23 40.58 2.14
N LEU A 392 5.62 39.41 1.61
CA LEU A 392 6.45 38.45 2.33
C LEU A 392 7.47 37.82 1.38
N ARG A 393 8.59 37.36 1.93
CA ARG A 393 9.68 36.76 1.15
C ARG A 393 9.70 35.23 1.39
N ALA B 19 -0.89 -30.86 -29.45
CA ALA B 19 -1.32 -30.35 -28.12
C ALA B 19 -0.38 -29.26 -27.55
N SER B 20 0.19 -28.42 -28.42
CA SER B 20 1.08 -27.34 -27.99
C SER B 20 0.32 -26.06 -27.77
N GLU B 21 0.39 -25.53 -26.54
CA GLU B 21 -0.23 -24.26 -26.17
C GLU B 21 0.87 -23.29 -25.70
N ALA B 22 0.83 -22.04 -26.13
CA ALA B 22 1.85 -21.05 -25.71
C ALA B 22 1.74 -20.73 -24.23
N LEU B 23 2.91 -20.55 -23.63
CA LEU B 23 3.06 -20.05 -22.29
C LEU B 23 2.43 -18.65 -22.18
N LYS B 24 1.55 -18.45 -21.22
CA LYS B 24 0.88 -17.16 -21.06
C LYS B 24 1.73 -16.17 -20.27
N VAL B 25 1.97 -14.98 -20.84
CA VAL B 25 2.74 -13.94 -20.15
C VAL B 25 1.94 -12.66 -20.01
N VAL B 26 1.96 -12.12 -18.82
CA VAL B 26 1.29 -10.90 -18.52
C VAL B 26 2.27 -10.03 -17.69
N ALA B 27 2.01 -8.72 -17.69
CA ALA B 27 2.86 -7.76 -16.99
C ALA B 27 2.04 -6.96 -15.99
N ARG B 28 2.62 -6.73 -14.82
CA ARG B 28 2.01 -5.90 -13.81
C ARG B 28 3.00 -4.82 -13.42
N CYS B 29 2.52 -3.60 -13.29
CA CYS B 29 3.37 -2.52 -12.81
C CYS B 29 2.78 -1.92 -11.54
N ARG B 30 3.60 -1.83 -10.49
CA ARG B 30 3.16 -1.21 -9.22
C ARG B 30 3.10 0.34 -9.33
N PRO B 31 2.43 1.02 -8.37
CA PRO B 31 2.36 2.48 -8.44
C PRO B 31 3.72 3.15 -8.18
N LEU B 32 3.90 4.37 -8.65
CA LEU B 32 5.09 5.12 -8.35
C LEU B 32 4.90 5.59 -6.92
N SER B 33 5.96 5.43 -6.12
CA SER B 33 5.90 5.86 -4.71
C SER B 33 6.27 7.32 -4.56
N ARG B 34 5.77 7.89 -3.47
CA ARG B 34 6.05 9.27 -3.05
C ARG B 34 7.54 9.49 -2.74
N LYS B 35 8.17 8.53 -2.05
CA LYS B 35 9.60 8.60 -1.81
C LYS B 35 10.39 8.71 -3.14
N GLU B 36 10.06 7.85 -4.10
CA GLU B 36 10.73 7.89 -5.40
C GLU B 36 10.64 9.25 -6.08
N GLU B 37 9.44 9.82 -6.09
CA GLU B 37 9.22 11.12 -6.71
C GLU B 37 10.00 12.20 -5.93
N ALA B 38 9.99 12.11 -4.60
CA ALA B 38 10.83 12.95 -3.72
C ALA B 38 12.31 12.90 -4.11
N ALA B 39 12.76 11.72 -4.52
CA ALA B 39 14.16 11.51 -4.94
C ALA B 39 14.45 12.04 -6.35
N GLY B 40 13.45 12.57 -7.05
CA GLY B 40 13.67 13.18 -8.37
C GLY B 40 13.42 12.24 -9.54
N HIS B 41 12.99 11.02 -9.24
CA HIS B 41 12.78 10.01 -10.27
C HIS B 41 11.47 10.21 -11.00
N GLU B 42 11.57 10.44 -12.30
CA GLU B 42 10.42 10.54 -13.19
C GLU B 42 9.81 9.14 -13.38
N GLN B 43 8.57 9.10 -13.82
CA GLN B 43 7.95 7.88 -14.31
C GLN B 43 8.38 7.59 -15.75
N ILE B 44 8.84 6.35 -16.03
CA ILE B 44 9.22 5.98 -17.41
C ILE B 44 8.46 4.77 -17.99
N LEU B 45 7.60 4.15 -17.19
CA LEU B 45 6.88 2.96 -17.63
C LEU B 45 5.40 3.24 -17.65
N THR B 46 4.79 3.02 -18.81
CA THR B 46 3.41 3.34 -19.09
C THR B 46 2.74 2.11 -19.66
N MET B 47 1.45 1.96 -19.37
CA MET B 47 0.69 0.81 -19.80
C MET B 47 -0.53 1.22 -20.54
N ASP B 48 -0.89 0.39 -21.51
CA ASP B 48 -2.13 0.54 -22.23
C ASP B 48 -2.92 -0.75 -21.96
N VAL B 49 -3.71 -0.73 -20.89
CA VAL B 49 -4.49 -1.90 -20.45
C VAL B 49 -5.38 -2.46 -21.59
N LYS B 50 -6.01 -1.58 -22.37
CA LYS B 50 -6.94 -1.98 -23.43
C LYS B 50 -6.25 -2.80 -24.54
N LEU B 51 -4.97 -2.49 -24.80
CA LEU B 51 -4.20 -3.14 -25.90
C LEU B 51 -3.21 -4.19 -25.38
N GLY B 52 -3.10 -4.29 -24.05
CA GLY B 52 -2.18 -5.22 -23.42
C GLY B 52 -0.76 -4.83 -23.71
N GLN B 53 -0.47 -3.53 -23.65
CA GLN B 53 0.86 -3.00 -24.03
C GLN B 53 1.57 -2.21 -22.91
N VAL B 54 2.90 -2.34 -22.90
CA VAL B 54 3.77 -1.65 -21.97
C VAL B 54 4.74 -0.86 -22.81
N THR B 55 4.94 0.41 -22.44
CA THR B 55 5.94 1.25 -23.09
C THR B 55 6.98 1.65 -22.06
N LEU B 56 8.24 1.58 -22.46
CA LEU B 56 9.38 1.98 -21.59
C LEU B 56 10.16 3.09 -22.28
N ARG B 57 10.09 4.27 -21.68
CA ARG B 57 10.77 5.47 -22.14
C ARG B 57 12.18 5.48 -21.58
N ASN B 58 13.14 5.84 -22.42
CA ASN B 58 14.53 5.98 -21.97
C ASN B 58 14.68 7.34 -21.30
N PRO B 59 15.07 7.34 -20.01
CA PRO B 59 15.30 8.63 -19.38
C PRO B 59 16.46 9.41 -20.04
N ARG B 60 17.48 8.69 -20.53
CA ARG B 60 18.62 9.30 -21.26
C ARG B 60 18.45 9.30 -22.81
N ALA B 61 17.21 9.42 -23.29
CA ALA B 61 16.91 9.25 -24.72
C ALA B 61 17.31 10.46 -25.55
N ALA B 62 17.93 10.19 -26.70
CA ALA B 62 18.30 11.24 -27.64
C ALA B 62 17.06 11.69 -28.44
N PRO B 63 17.05 12.96 -28.91
CA PRO B 63 15.91 13.43 -29.72
C PRO B 63 15.50 12.48 -30.85
N GLY B 64 14.18 12.35 -31.06
CA GLY B 64 13.61 11.50 -32.13
C GLY B 64 13.47 10.03 -31.78
N GLU B 65 13.93 9.65 -30.59
CA GLU B 65 14.05 8.25 -30.21
C GLU B 65 12.76 7.72 -29.61
N LEU B 66 12.15 6.77 -30.30
CA LEU B 66 10.92 6.15 -29.83
C LEU B 66 11.17 5.31 -28.58
N PRO B 67 10.23 5.33 -27.61
CA PRO B 67 10.28 4.35 -26.54
C PRO B 67 10.11 2.93 -27.04
N LYS B 68 10.38 1.95 -26.17
CA LYS B 68 10.21 0.53 -26.50
C LYS B 68 8.86 0.09 -26.01
N THR B 69 8.07 -0.55 -26.88
CA THR B 69 6.71 -1.06 -26.53
C THR B 69 6.63 -2.57 -26.66
N PHE B 70 6.06 -3.22 -25.65
CA PHE B 70 5.91 -4.68 -25.63
C PHE B 70 4.44 -5.05 -25.56
N THR B 71 4.03 -6.13 -26.23
CA THR B 71 2.66 -6.64 -26.12
C THR B 71 2.65 -7.94 -25.33
N PHE B 72 1.56 -8.19 -24.58
CA PHE B 72 1.41 -9.42 -23.75
C PHE B 72 -0.05 -9.89 -23.77
N ASP B 73 -0.31 -11.08 -23.22
CA ASP B 73 -1.70 -11.56 -23.12
C ASP B 73 -2.59 -10.56 -22.31
N ALA B 74 -2.02 -9.89 -21.31
CA ALA B 74 -2.73 -8.83 -20.54
C ALA B 74 -1.73 -7.99 -19.77
N VAL B 75 -2.12 -6.76 -19.43
CA VAL B 75 -1.28 -5.88 -18.54
C VAL B 75 -2.11 -5.29 -17.41
N TYR B 76 -1.42 -4.96 -16.32
CA TYR B 76 -2.04 -4.37 -15.13
C TYR B 76 -1.20 -3.23 -14.57
N ASP B 77 -1.88 -2.14 -14.20
CA ASP B 77 -1.22 -0.93 -13.73
C ASP B 77 -1.63 -0.56 -12.28
N ALA B 78 -1.19 0.60 -11.81
CA ALA B 78 -1.56 1.12 -10.47
C ALA B 78 -3.07 1.00 -10.11
N SER B 79 -3.95 1.14 -11.11
CA SER B 79 -5.40 1.11 -10.91
C SER B 79 -6.00 -0.29 -10.98
N SER B 80 -5.20 -1.26 -11.40
CA SER B 80 -5.70 -2.62 -11.55
C SER B 80 -5.82 -3.27 -10.17
N LYS B 81 -6.97 -3.90 -9.92
CA LYS B 81 -7.17 -4.54 -8.65
C LYS B 81 -6.84 -6.03 -8.73
N GLN B 82 -6.58 -6.62 -7.56
CA GLN B 82 -6.14 -8.02 -7.44
C GLN B 82 -7.11 -9.01 -8.10
N ALA B 83 -8.41 -8.74 -8.00
CA ALA B 83 -9.41 -9.65 -8.54
C ALA B 83 -9.51 -9.58 -10.09
N ASP B 84 -9.20 -8.43 -10.69
CA ASP B 84 -9.08 -8.35 -12.16
C ASP B 84 -8.01 -9.34 -12.63
N LEU B 85 -6.84 -9.25 -12.03
CA LEU B 85 -5.74 -10.14 -12.40
C LEU B 85 -6.15 -11.60 -12.32
N TYR B 86 -6.77 -11.96 -11.19
CA TYR B 86 -7.25 -13.33 -10.99
C TYR B 86 -8.33 -13.69 -11.98
N ASP B 87 -9.44 -12.96 -11.96
CA ASP B 87 -10.59 -13.29 -12.82
C ASP B 87 -10.24 -13.40 -14.32
N GLU B 88 -9.24 -12.67 -14.77
CA GLU B 88 -8.92 -12.63 -16.19
C GLU B 88 -7.85 -13.64 -16.57
N THR B 89 -6.78 -13.67 -15.80
CA THR B 89 -5.61 -14.41 -16.20
C THR B 89 -5.52 -15.75 -15.47
N VAL B 90 -5.64 -15.73 -14.15
CA VAL B 90 -5.37 -16.90 -13.34
C VAL B 90 -6.57 -17.85 -13.24
N ARG B 91 -7.76 -17.31 -13.11
CA ARG B 91 -8.95 -18.15 -12.93
C ARG B 91 -9.01 -19.33 -13.93
N PRO B 92 -8.86 -19.06 -15.24
CA PRO B 92 -8.95 -20.17 -16.21
C PRO B 92 -7.96 -21.27 -15.94
N LEU B 93 -6.71 -20.92 -15.60
CA LEU B 93 -5.67 -21.91 -15.27
C LEU B 93 -6.06 -22.83 -14.11
N ILE B 94 -6.71 -22.28 -13.08
CA ILE B 94 -7.09 -23.07 -11.90
C ILE B 94 -8.29 -23.97 -12.15
N ASP B 95 -9.14 -23.59 -13.11
CA ASP B 95 -10.14 -24.55 -13.62
C ASP B 95 -9.48 -25.75 -14.34
N SER B 96 -8.36 -25.49 -15.02
CA SER B 96 -7.62 -26.57 -15.67
C SER B 96 -6.96 -27.49 -14.63
N VAL B 97 -6.37 -26.92 -13.58
CA VAL B 97 -5.80 -27.76 -12.52
C VAL B 97 -6.89 -28.68 -11.97
N LEU B 98 -8.06 -28.11 -11.70
CA LEU B 98 -9.22 -28.88 -11.23
C LEU B 98 -9.71 -29.96 -12.24
N GLN B 99 -9.35 -29.86 -13.52
CA GLN B 99 -9.63 -30.93 -14.51
C GLN B 99 -8.52 -31.99 -14.66
N GLY B 100 -7.46 -31.90 -13.84
CA GLY B 100 -6.34 -32.84 -13.88
C GLY B 100 -5.15 -32.37 -14.72
N PHE B 101 -5.02 -31.06 -14.91
CA PHE B 101 -3.82 -30.49 -15.53
C PHE B 101 -2.88 -30.05 -14.47
N ASN B 102 -1.61 -29.93 -14.83
CA ASN B 102 -0.65 -29.20 -14.00
C ASN B 102 -0.57 -27.77 -14.49
N GLY B 103 -0.49 -26.85 -13.55
CA GLY B 103 -0.42 -25.44 -13.86
C GLY B 103 0.57 -24.76 -12.95
N THR B 104 1.29 -23.79 -13.50
CA THR B 104 2.18 -22.95 -12.71
C THR B 104 1.92 -21.49 -12.96
N VAL B 105 2.02 -20.70 -11.91
CA VAL B 105 2.09 -19.26 -12.03
C VAL B 105 3.39 -18.85 -11.37
N PHE B 106 4.25 -18.09 -12.08
CA PHE B 106 5.39 -17.47 -11.40
C PHE B 106 5.49 -15.99 -11.62
N ALA B 107 5.85 -15.29 -10.54
CA ALA B 107 6.01 -13.85 -10.53
C ALA B 107 7.51 -13.54 -10.67
N TYR B 108 7.85 -12.80 -11.73
CA TYR B 108 9.24 -12.50 -12.05
C TYR B 108 9.48 -11.00 -12.20
N GLY B 109 10.53 -10.50 -11.55
CA GLY B 109 10.93 -9.11 -11.67
C GLY B 109 11.75 -8.58 -10.50
N GLN B 110 11.91 -7.26 -10.47
CA GLN B 110 12.84 -6.61 -9.54
C GLN B 110 12.30 -6.67 -8.11
N THR B 111 13.22 -6.74 -7.14
CA THR B 111 12.87 -6.62 -5.74
C THR B 111 12.12 -5.33 -5.56
N GLY B 112 10.99 -5.40 -4.89
CA GLY B 112 10.19 -4.22 -4.61
C GLY B 112 9.11 -3.94 -5.64
N THR B 113 9.04 -4.70 -6.73
CA THR B 113 8.07 -4.38 -7.76
C THR B 113 6.76 -5.14 -7.64
N GLY B 114 6.60 -5.93 -6.58
CA GLY B 114 5.29 -6.48 -6.25
C GLY B 114 5.11 -7.95 -6.59
N LYS B 115 6.21 -8.71 -6.62
CA LYS B 115 6.08 -10.16 -6.80
C LYS B 115 5.21 -10.77 -5.69
N THR B 116 5.61 -10.53 -4.44
CA THR B 116 4.89 -11.07 -3.31
C THR B 116 3.48 -10.48 -3.19
N TYR B 117 3.33 -9.23 -3.62
CA TYR B 117 2.03 -8.56 -3.57
C TYR B 117 1.06 -9.28 -4.50
N THR B 118 1.54 -9.60 -5.70
CA THR B 118 0.77 -10.33 -6.67
C THR B 118 0.40 -11.74 -6.19
N MET B 119 1.40 -12.49 -5.72
CA MET B 119 1.20 -13.93 -5.41
C MET B 119 0.48 -14.18 -4.10
N GLN B 120 0.80 -13.41 -3.09
CA GLN B 120 0.22 -13.56 -1.75
C GLN B 120 -0.67 -12.39 -1.37
N GLY B 121 -0.19 -11.18 -1.63
CA GLY B 121 -0.81 -9.98 -1.14
C GLY B 121 -0.10 -9.62 0.14
N THR B 122 0.06 -8.32 0.39
CA THR B 122 0.60 -7.82 1.66
C THR B 122 -0.48 -7.82 2.77
N TRP B 123 -1.75 -7.63 2.38
CA TRP B 123 -2.88 -7.48 3.29
C TRP B 123 -3.83 -8.63 3.11
N VAL B 124 -4.58 -8.97 4.16
CA VAL B 124 -5.46 -10.15 4.13
C VAL B 124 -6.90 -9.88 3.62
N GLU B 125 -7.32 -8.60 3.54
CA GLU B 125 -8.71 -8.28 3.13
C GLU B 125 -9.03 -8.75 1.69
N PRO B 126 -10.24 -9.33 1.46
CA PRO B 126 -10.64 -9.95 0.15
C PRO B 126 -10.28 -9.19 -1.13
N GLU B 127 -10.51 -7.89 -1.17
CA GLU B 127 -10.24 -7.10 -2.38
C GLU B 127 -8.74 -6.86 -2.59
N LEU B 128 -7.95 -7.12 -1.53
CA LEU B 128 -6.52 -6.80 -1.50
C LEU B 128 -5.62 -8.03 -1.60
N ARG B 129 -6.14 -9.19 -1.27
CA ARG B 129 -5.30 -10.38 -1.21
C ARG B 129 -4.88 -10.87 -2.63
N GLY B 130 -3.85 -11.72 -2.67
CA GLY B 130 -3.14 -12.07 -3.90
C GLY B 130 -3.67 -13.33 -4.56
N VAL B 131 -2.87 -13.90 -5.46
CA VAL B 131 -3.29 -15.04 -6.28
C VAL B 131 -3.54 -16.31 -5.45
N ILE B 132 -2.64 -16.61 -4.54
CA ILE B 132 -2.74 -17.85 -3.72
C ILE B 132 -4.04 -17.91 -2.89
N PRO B 133 -4.34 -16.89 -2.07
CA PRO B 133 -5.59 -16.91 -1.32
C PRO B 133 -6.84 -16.98 -2.22
N ASN B 134 -6.81 -16.30 -3.36
CA ASN B 134 -7.92 -16.33 -4.33
C ASN B 134 -8.12 -17.71 -4.93
N ALA B 135 -7.00 -18.41 -5.16
CA ALA B 135 -7.02 -19.80 -5.61
C ALA B 135 -7.64 -20.70 -4.54
N PHE B 136 -7.36 -20.42 -3.25
CA PHE B 136 -7.98 -21.16 -2.13
C PHE B 136 -9.49 -21.11 -2.16
N GLU B 137 -10.02 -19.89 -2.27
CA GLU B 137 -11.46 -19.67 -2.28
C GLU B 137 -12.07 -20.29 -3.54
N HIS B 138 -11.40 -20.10 -4.66
CA HIS B 138 -11.86 -20.62 -5.92
C HIS B 138 -11.95 -22.13 -5.80
N ILE B 139 -10.88 -22.75 -5.31
CA ILE B 139 -10.79 -24.19 -5.23
C ILE B 139 -11.87 -24.78 -4.32
N PHE B 140 -11.98 -24.26 -3.11
CA PHE B 140 -12.90 -24.83 -2.14
C PHE B 140 -14.37 -24.53 -2.44
N THR B 141 -14.63 -23.45 -3.19
CA THR B 141 -15.98 -23.13 -3.66
C THR B 141 -16.42 -24.14 -4.70
N HIS B 142 -15.53 -24.42 -5.66
CA HIS B 142 -15.75 -25.45 -6.64
C HIS B 142 -16.02 -26.78 -5.93
N ILE B 143 -15.14 -27.16 -5.01
CA ILE B 143 -15.32 -28.40 -4.25
C ILE B 143 -16.67 -28.41 -3.52
N SER B 144 -17.00 -27.33 -2.80
CA SER B 144 -18.28 -27.29 -2.06
C SER B 144 -19.52 -27.37 -2.96
N ARG B 145 -19.43 -26.84 -4.19
CA ARG B 145 -20.57 -26.89 -5.14
C ARG B 145 -20.66 -28.25 -5.91
N SER B 146 -19.79 -29.21 -5.61
CA SER B 146 -19.65 -30.44 -6.43
C SER B 146 -20.62 -31.56 -6.02
N GLN B 147 -21.32 -32.11 -7.01
CA GLN B 147 -22.16 -33.28 -6.83
C GLN B 147 -21.41 -34.51 -7.38
N ASN B 148 -21.51 -35.63 -6.67
CA ASN B 148 -20.98 -36.92 -7.16
C ASN B 148 -19.41 -37.09 -7.28
N GLN B 149 -18.63 -36.27 -6.59
CA GLN B 149 -17.15 -36.33 -6.66
C GLN B 149 -16.49 -35.94 -5.34
N GLN B 150 -15.46 -36.72 -4.95
CA GLN B 150 -14.69 -36.45 -3.73
C GLN B 150 -13.37 -35.83 -4.11
N TYR B 151 -12.94 -34.85 -3.32
CA TYR B 151 -11.71 -34.15 -3.59
C TYR B 151 -10.80 -34.19 -2.37
N LEU B 152 -9.51 -34.41 -2.61
CA LEU B 152 -8.48 -34.36 -1.60
C LEU B 152 -7.48 -33.29 -1.99
N VAL B 153 -7.46 -32.19 -1.22
CA VAL B 153 -6.54 -31.10 -1.45
C VAL B 153 -5.39 -31.19 -0.46
N ARG B 154 -4.17 -31.23 -0.99
CA ARG B 154 -2.93 -31.27 -0.17
C ARG B 154 -2.06 -30.06 -0.45
N ALA B 155 -1.48 -29.47 0.59
CA ALA B 155 -0.67 -28.26 0.40
C ALA B 155 0.73 -28.47 0.89
N SER B 156 1.70 -27.92 0.14
CA SER B 156 3.12 -27.92 0.52
C SER B 156 3.70 -26.54 0.29
N TYR B 157 4.69 -26.17 1.10
CA TYR B 157 5.28 -24.87 1.05
C TYR B 157 6.79 -24.98 1.24
N LEU B 158 7.52 -24.56 0.21
CA LEU B 158 8.98 -24.62 0.15
C LEU B 158 9.60 -23.24 0.01
N GLU B 159 10.90 -23.20 0.26
CA GLU B 159 11.74 -22.05 -0.05
C GLU B 159 13.09 -22.57 -0.57
N ILE B 160 13.64 -21.90 -1.59
CA ILE B 160 15.00 -22.19 -2.08
C ILE B 160 15.90 -20.96 -1.81
N TYR B 161 16.97 -21.17 -1.09
CA TYR B 161 17.89 -20.08 -0.74
C TYR B 161 19.32 -20.64 -0.68
N GLN B 162 20.27 -19.93 -1.29
CA GLN B 162 21.61 -20.46 -1.55
C GLN B 162 21.58 -21.91 -2.08
N GLU B 163 20.74 -22.14 -3.09
CA GLU B 163 20.53 -23.45 -3.73
C GLU B 163 20.32 -24.64 -2.73
N GLU B 164 19.68 -24.37 -1.59
CA GLU B 164 19.26 -25.41 -0.63
C GLU B 164 17.76 -25.34 -0.50
N ILE B 165 17.08 -26.47 -0.52
CA ILE B 165 15.60 -26.50 -0.43
C ILE B 165 15.18 -26.59 1.03
N ARG B 166 14.35 -25.66 1.48
CA ARG B 166 13.87 -25.61 2.87
C ARG B 166 12.38 -25.86 2.95
N ASP B 167 11.98 -26.82 3.76
CA ASP B 167 10.59 -27.12 4.00
C ASP B 167 10.09 -26.13 5.03
N LEU B 168 9.13 -25.30 4.63
CA LEU B 168 8.63 -24.25 5.50
C LEU B 168 7.63 -24.77 6.54
N LEU B 169 7.34 -26.06 6.51
CA LEU B 169 6.26 -26.64 7.29
C LEU B 169 6.69 -27.78 8.27
N SER B 170 7.87 -28.38 8.07
CA SER B 170 8.33 -29.55 8.84
C SER B 170 8.30 -29.37 10.36
N LYS B 171 8.14 -30.48 11.11
CA LYS B 171 8.07 -30.47 12.59
C LYS B 171 9.19 -29.62 13.24
N GLU B 172 10.45 -29.95 12.92
CA GLU B 172 11.58 -29.04 13.16
C GLU B 172 11.68 -28.18 11.91
N PRO B 173 11.13 -26.94 11.97
CA PRO B 173 10.88 -26.21 10.72
C PRO B 173 12.16 -25.74 10.03
N GLY B 174 12.15 -25.81 8.69
CA GLY B 174 13.27 -25.37 7.83
C GLY B 174 14.25 -26.46 7.36
N LYS B 175 13.83 -27.74 7.40
CA LYS B 175 14.74 -28.86 7.11
C LYS B 175 15.31 -28.81 5.68
N ARG B 176 16.63 -28.95 5.55
CA ARG B 176 17.29 -29.08 4.27
C ARG B 176 16.87 -30.40 3.62
N LEU B 177 16.28 -30.34 2.41
CA LEU B 177 15.72 -31.53 1.73
C LEU B 177 16.42 -31.87 0.41
N GLU B 178 16.59 -33.17 0.14
CA GLU B 178 17.18 -33.61 -1.12
C GLU B 178 16.12 -33.59 -2.23
N LEU B 179 16.60 -33.62 -3.46
CA LEU B 179 15.77 -33.62 -4.66
C LEU B 179 16.14 -34.89 -5.44
N LYS B 180 15.13 -35.65 -5.89
CA LYS B 180 15.35 -36.98 -6.47
C LYS B 180 14.45 -37.30 -7.68
N GLU B 181 14.65 -38.49 -8.26
CA GLU B 181 13.89 -38.96 -9.46
C GLU B 181 13.47 -40.43 -9.37
N GLY B 186 9.52 -38.26 -13.21
CA GLY B 186 10.19 -36.97 -13.15
C GLY B 186 10.83 -36.65 -11.79
N VAL B 187 10.97 -35.36 -11.50
CA VAL B 187 11.65 -34.88 -10.29
C VAL B 187 10.71 -34.89 -9.10
N TYR B 188 11.26 -35.12 -7.91
CA TYR B 188 10.49 -34.96 -6.67
C TYR B 188 11.41 -34.72 -5.47
N ILE B 189 10.83 -34.23 -4.38
CA ILE B 189 11.57 -33.81 -3.19
C ILE B 189 11.38 -34.84 -2.09
N LYS B 190 12.48 -35.47 -1.65
CA LYS B 190 12.39 -36.48 -0.60
C LYS B 190 11.93 -35.80 0.69
N ASP B 191 10.93 -36.40 1.35
CA ASP B 191 10.44 -35.98 2.67
C ASP B 191 9.76 -34.64 2.68
N LEU B 192 9.30 -34.17 1.52
CA LEU B 192 8.58 -32.91 1.49
C LEU B 192 7.28 -33.12 2.27
N SER B 193 7.09 -32.33 3.33
CA SER B 193 5.92 -32.47 4.16
C SER B 193 4.73 -31.79 3.51
N SER B 194 3.54 -32.28 3.83
CA SER B 194 2.32 -31.94 3.10
C SER B 194 1.11 -32.10 4.00
N PHE B 195 0.21 -31.13 3.94
CA PHE B 195 -0.96 -31.13 4.79
C PHE B 195 -2.18 -31.32 3.96
N VAL B 196 -3.04 -32.20 4.41
CA VAL B 196 -4.36 -32.35 3.82
C VAL B 196 -5.26 -31.22 4.38
N THR B 197 -5.87 -30.46 3.47
CA THR B 197 -6.68 -29.32 3.84
C THR B 197 -8.09 -29.52 3.32
N LYS B 198 -9.07 -29.44 4.23
CA LYS B 198 -10.45 -29.66 3.88
C LYS B 198 -11.19 -28.33 3.68
N ASN B 199 -10.49 -27.23 4.00
CA ASN B 199 -11.12 -25.90 4.23
C ASN B 199 -10.31 -24.82 3.62
N VAL B 200 -10.94 -23.67 3.38
CA VAL B 200 -10.17 -22.45 3.16
C VAL B 200 -9.44 -22.03 4.46
N LYS B 201 -10.08 -22.23 5.62
CA LYS B 201 -9.41 -21.96 6.88
C LYS B 201 -8.16 -22.83 7.03
N GLU B 202 -8.33 -24.16 7.00
CA GLU B 202 -7.18 -25.09 7.15
C GLU B 202 -6.02 -24.71 6.17
N ILE B 203 -6.35 -24.35 4.93
CA ILE B 203 -5.29 -24.07 3.95
C ILE B 203 -4.61 -22.72 4.16
N GLU B 204 -5.38 -21.71 4.54
CA GLU B 204 -4.84 -20.44 4.96
C GLU B 204 -3.94 -20.62 6.20
N HIS B 205 -4.36 -21.49 7.13
CA HIS B 205 -3.52 -21.81 8.28
C HIS B 205 -2.14 -22.27 7.81
N VAL B 206 -2.11 -23.15 6.82
CA VAL B 206 -0.85 -23.68 6.29
C VAL B 206 0.01 -22.54 5.76
N MET B 207 -0.61 -21.68 4.97
CA MET B 207 0.12 -20.57 4.39
C MET B 207 0.72 -19.65 5.49
N ASN B 208 -0.02 -19.40 6.57
CA ASN B 208 0.51 -18.64 7.73
C ASN B 208 1.67 -19.32 8.44
N LEU B 209 1.53 -20.62 8.69
CA LEU B 209 2.64 -21.38 9.28
C LEU B 209 3.90 -21.19 8.44
N GLY B 210 3.77 -21.33 7.13
CA GLY B 210 4.89 -21.19 6.23
C GLY B 210 5.52 -19.83 6.34
N ASN B 211 4.69 -18.80 6.26
CA ASN B 211 5.18 -17.42 6.37
C ASN B 211 5.92 -17.22 7.69
N GLN B 212 5.39 -17.80 8.75
CA GLN B 212 6.04 -17.73 10.06
C GLN B 212 7.49 -18.20 9.97
N THR B 213 7.71 -19.31 9.24
CA THR B 213 9.06 -19.82 9.01
C THR B 213 9.79 -18.94 8.00
N ARG B 214 9.07 -18.50 6.96
CA ARG B 214 9.64 -17.68 5.87
C ARG B 214 10.13 -16.31 6.37
N GLU B 223 19.43 -9.34 3.13
CA GLU B 223 18.36 -9.28 2.13
C GLU B 223 17.91 -10.70 1.73
N VAL B 224 17.39 -11.44 2.73
CA VAL B 224 17.15 -12.90 2.60
C VAL B 224 16.00 -13.22 1.66
N SER B 225 14.80 -12.74 2.00
CA SER B 225 13.58 -13.09 1.26
C SER B 225 13.55 -12.51 -0.16
N SER B 226 14.35 -11.47 -0.40
CA SER B 226 14.51 -10.94 -1.75
C SER B 226 15.46 -11.78 -2.60
N ARG B 227 16.34 -12.55 -1.96
CA ARG B 227 17.27 -13.41 -2.67
C ARG B 227 16.85 -14.89 -2.58
N SER B 228 15.59 -15.17 -2.24
CA SER B 228 15.12 -16.56 -2.17
C SER B 228 13.80 -16.76 -2.91
N HIS B 229 13.52 -18.02 -3.29
CA HIS B 229 12.31 -18.40 -4.05
C HIS B 229 11.31 -19.13 -3.18
N ALA B 230 10.06 -18.71 -3.24
CA ALA B 230 9.00 -19.35 -2.50
C ALA B 230 8.09 -20.08 -3.48
N ILE B 231 7.87 -21.37 -3.24
CA ILE B 231 6.90 -22.14 -4.00
C ILE B 231 5.84 -22.67 -3.02
N PHE B 232 4.60 -22.26 -3.24
CA PHE B 232 3.44 -22.89 -2.60
C PHE B 232 2.86 -23.93 -3.60
N ILE B 233 2.69 -25.15 -3.16
CA ILE B 233 2.20 -26.20 -4.04
C ILE B 233 0.88 -26.75 -3.51
N ILE B 234 -0.07 -26.94 -4.43
CA ILE B 234 -1.36 -27.49 -4.12
C ILE B 234 -1.58 -28.61 -5.07
N THR B 235 -1.83 -29.82 -4.56
CA THR B 235 -2.32 -30.91 -5.39
C THR B 235 -3.81 -31.09 -5.10
N VAL B 236 -4.58 -31.37 -6.15
CA VAL B 236 -5.99 -31.69 -5.98
C VAL B 236 -6.26 -33.04 -6.63
N GLU B 237 -6.48 -34.06 -5.79
CA GLU B 237 -6.91 -35.37 -6.23
C GLU B 237 -8.44 -35.41 -6.21
N CYS B 238 -9.00 -36.00 -7.24
CA CYS B 238 -10.42 -35.93 -7.46
C CYS B 238 -10.92 -37.26 -7.96
N SER B 239 -11.97 -37.81 -7.34
CA SER B 239 -12.47 -39.14 -7.70
C SER B 239 -13.99 -39.22 -7.92
N GLU B 240 -14.40 -39.91 -9.00
CA GLU B 240 -15.81 -40.21 -9.30
C GLU B 240 -15.99 -41.73 -9.38
N HIS B 248 -11.24 -43.85 -12.33
CA HIS B 248 -12.07 -43.05 -11.44
C HIS B 248 -11.39 -41.76 -10.86
N ILE B 249 -10.08 -41.56 -11.07
CA ILE B 249 -9.30 -40.50 -10.34
C ILE B 249 -8.43 -39.55 -11.21
N ARG B 250 -8.68 -38.24 -11.14
CA ARG B 250 -7.81 -37.21 -11.73
C ARG B 250 -6.87 -36.61 -10.69
N VAL B 251 -5.74 -36.09 -11.15
CA VAL B 251 -4.83 -35.33 -10.28
C VAL B 251 -4.25 -34.10 -11.00
N GLY B 252 -4.38 -32.94 -10.37
CA GLY B 252 -3.73 -31.74 -10.83
C GLY B 252 -2.83 -31.27 -9.72
N LYS B 253 -1.70 -30.66 -10.08
CA LYS B 253 -0.93 -29.89 -9.11
C LYS B 253 -0.74 -28.47 -9.61
N LEU B 254 -0.67 -27.54 -8.67
CA LEU B 254 -0.54 -26.13 -8.96
C LEU B 254 0.69 -25.62 -8.25
N ASN B 255 1.65 -25.11 -9.00
CA ASN B 255 2.84 -24.49 -8.40
C ASN B 255 2.68 -22.99 -8.46
N LEU B 256 2.48 -22.37 -7.33
CA LEU B 256 2.40 -20.96 -7.24
C LEU B 256 3.76 -20.46 -6.76
N VAL B 257 4.55 -19.91 -7.69
CA VAL B 257 5.95 -19.58 -7.46
C VAL B 257 6.17 -18.07 -7.40
N ASP B 258 7.10 -17.66 -6.56
CA ASP B 258 7.37 -16.26 -6.28
C ASP B 258 8.87 -16.14 -6.29
N LEU B 259 9.45 -15.69 -7.40
CA LEU B 259 10.94 -15.80 -7.55
C LEU B 259 11.72 -14.78 -6.72
N ALA B 260 13.02 -15.05 -6.57
CA ALA B 260 13.98 -14.08 -6.06
C ALA B 260 14.03 -12.88 -7.01
N GLY B 261 14.34 -11.71 -6.46
CA GLY B 261 14.45 -10.49 -7.25
C GLY B 261 15.38 -10.66 -8.45
N SER B 262 14.90 -10.25 -9.63
CA SER B 262 15.70 -10.34 -10.86
C SER B 262 16.85 -9.32 -10.88
N GLU B 263 16.98 -8.54 -9.81
CA GLU B 263 18.22 -7.81 -9.49
C GLU B 263 18.55 -6.82 -10.56
N LYS B 304 26.57 -18.34 -6.13
CA LYS B 304 25.73 -19.46 -5.66
C LYS B 304 24.33 -19.01 -5.17
N ILE B 305 24.28 -17.83 -4.55
CA ILE B 305 23.01 -17.22 -4.21
C ILE B 305 22.11 -17.04 -5.43
N ASN B 306 22.67 -16.56 -6.56
CA ASN B 306 21.84 -16.20 -7.76
C ASN B 306 21.81 -17.25 -8.84
N LEU B 307 22.38 -18.41 -8.53
CA LEU B 307 22.51 -19.53 -9.46
C LEU B 307 21.19 -19.88 -10.12
N SER B 308 20.14 -20.02 -9.31
CA SER B 308 18.83 -20.47 -9.80
C SER B 308 18.14 -19.46 -10.70
N LEU B 309 18.25 -18.17 -10.38
CA LEU B 309 17.75 -17.12 -11.28
C LEU B 309 18.45 -17.17 -12.64
N SER B 310 19.74 -17.46 -12.61
CA SER B 310 20.55 -17.57 -13.82
C SER B 310 20.24 -18.83 -14.63
N ALA B 311 20.02 -19.95 -13.93
CA ALA B 311 19.58 -21.17 -14.60
C ALA B 311 18.29 -20.89 -15.39
N LEU B 312 17.34 -20.27 -14.71
CA LEU B 312 16.05 -19.91 -15.30
C LEU B 312 16.22 -18.99 -16.51
N GLY B 313 17.21 -18.10 -16.46
CA GLY B 313 17.49 -17.17 -17.56
C GLY B 313 17.94 -17.89 -18.81
N ASN B 314 18.89 -18.81 -18.66
CA ASN B 314 19.42 -19.59 -19.79
C ASN B 314 18.41 -20.60 -20.33
N VAL B 315 17.60 -21.18 -19.47
CA VAL B 315 16.59 -22.14 -19.90
C VAL B 315 15.52 -21.46 -20.75
N ILE B 316 15.15 -20.26 -20.35
CA ILE B 316 14.15 -19.48 -21.08
C ILE B 316 14.70 -19.09 -22.47
N ALA B 317 15.97 -18.71 -22.55
CA ALA B 317 16.57 -18.31 -23.82
C ALA B 317 16.71 -19.53 -24.75
N ALA B 318 17.15 -20.66 -24.18
CA ALA B 318 17.28 -21.89 -24.93
C ALA B 318 15.92 -22.26 -25.52
N LEU B 319 14.91 -22.34 -24.66
CA LEU B 319 13.56 -22.67 -25.10
C LEU B 319 13.02 -21.71 -26.19
N ALA B 320 13.40 -20.44 -26.11
CA ALA B 320 12.86 -19.36 -26.98
C ALA B 320 13.68 -19.18 -28.24
N HIS B 326 20.24 -28.39 -26.42
CA HIS B 326 20.25 -28.81 -25.02
C HIS B 326 19.69 -27.72 -24.12
N ILE B 327 18.61 -28.01 -23.40
CA ILE B 327 18.04 -27.06 -22.42
C ILE B 327 18.68 -27.33 -21.04
N PRO B 328 19.32 -26.32 -20.43
CA PRO B 328 20.07 -26.52 -19.20
C PRO B 328 19.19 -26.53 -17.91
N TYR B 329 18.31 -27.52 -17.80
CA TYR B 329 17.45 -27.67 -16.62
C TYR B 329 18.21 -27.98 -15.34
N ARG B 330 19.12 -28.94 -15.41
CA ARG B 330 19.81 -29.44 -14.23
C ARG B 330 20.94 -28.52 -13.72
N ASP B 331 21.02 -27.30 -14.23
CA ASP B 331 21.94 -26.30 -13.67
C ASP B 331 21.50 -25.78 -12.28
N SER B 332 20.23 -25.92 -11.94
CA SER B 332 19.74 -25.47 -10.64
C SER B 332 18.58 -26.30 -10.16
N LYS B 333 18.35 -26.26 -8.86
CA LYS B 333 17.24 -26.95 -8.27
C LYS B 333 15.93 -26.38 -8.81
N LEU B 334 15.87 -25.06 -8.93
CA LEU B 334 14.64 -24.41 -9.40
C LEU B 334 14.26 -24.81 -10.83
N THR B 335 15.26 -24.93 -11.71
CA THR B 335 15.02 -25.24 -13.12
C THR B 335 14.72 -26.73 -13.33
N ARG B 336 15.31 -27.57 -12.48
CA ARG B 336 14.90 -28.97 -12.39
C ARG B 336 13.44 -29.13 -11.91
N LEU B 337 13.03 -28.31 -10.95
CA LEU B 337 11.68 -28.41 -10.35
C LEU B 337 10.60 -27.83 -11.21
N LEU B 338 10.97 -26.97 -12.16
CA LEU B 338 10.01 -26.36 -13.08
C LEU B 338 10.28 -26.83 -14.51
N GLN B 339 10.78 -28.05 -14.64
CA GLN B 339 11.05 -28.61 -15.94
C GLN B 339 9.74 -28.71 -16.74
N ASP B 340 8.71 -29.28 -16.11
CA ASP B 340 7.39 -29.40 -16.74
C ASP B 340 6.68 -28.05 -17.00
N SER B 341 6.95 -27.03 -16.19
CA SER B 341 6.30 -25.72 -16.36
C SER B 341 6.90 -24.92 -17.55
N LEU B 342 8.05 -25.35 -18.04
CA LEU B 342 8.76 -24.68 -19.11
C LEU B 342 9.16 -25.72 -20.15
N GLY B 343 8.26 -25.99 -21.09
CA GLY B 343 8.50 -26.99 -22.12
C GLY B 343 7.74 -28.29 -21.91
N GLY B 344 7.25 -28.54 -20.69
CA GLY B 344 6.64 -29.84 -20.37
C GLY B 344 5.12 -29.90 -20.34
N ASN B 345 4.61 -30.74 -19.43
CA ASN B 345 3.18 -30.99 -19.29
C ASN B 345 2.60 -30.12 -18.21
N ALA B 346 2.40 -28.86 -18.54
CA ALA B 346 1.67 -27.97 -17.66
C ALA B 346 1.33 -26.69 -18.35
N LYS B 347 0.32 -26.03 -17.80
CA LYS B 347 -0.09 -24.71 -18.22
C LYS B 347 0.60 -23.69 -17.34
N THR B 348 1.32 -22.76 -17.94
CA THR B 348 2.14 -21.85 -17.18
C THR B 348 1.80 -20.39 -17.50
N ILE B 349 1.61 -19.62 -16.44
CA ILE B 349 1.45 -18.19 -16.54
C ILE B 349 2.66 -17.54 -15.90
N MET B 350 3.27 -16.59 -16.59
CA MET B 350 4.30 -15.76 -15.98
C MET B 350 3.73 -14.40 -15.73
N VAL B 351 3.99 -13.86 -14.55
CA VAL B 351 3.64 -12.47 -14.28
C VAL B 351 4.94 -11.69 -14.19
N ALA B 352 5.23 -10.88 -15.21
CA ALA B 352 6.40 -9.98 -15.15
C ALA B 352 6.00 -8.79 -14.27
N THR B 353 6.69 -8.59 -13.14
CA THR B 353 6.39 -7.43 -12.28
C THR B 353 7.43 -6.32 -12.52
N LEU B 354 6.95 -5.08 -12.58
CA LEU B 354 7.76 -3.96 -13.05
C LEU B 354 7.64 -2.74 -12.17
N GLY B 355 8.74 -2.01 -12.04
CA GLY B 355 8.79 -0.78 -11.27
C GLY B 355 8.65 0.38 -12.21
N PRO B 356 7.82 1.38 -11.84
CA PRO B 356 7.53 2.48 -12.76
C PRO B 356 8.66 3.53 -12.94
N ALA B 357 9.58 3.61 -11.98
CA ALA B 357 10.48 4.78 -11.83
C ALA B 357 11.75 4.72 -12.66
N SER B 358 12.31 5.91 -12.90
CA SER B 358 13.43 6.11 -13.85
C SER B 358 14.78 5.56 -13.39
N HIS B 359 14.89 5.19 -12.11
CA HIS B 359 16.15 4.63 -11.61
C HIS B 359 16.35 3.20 -12.10
N SER B 360 15.28 2.56 -12.55
CA SER B 360 15.27 1.12 -12.83
C SER B 360 15.06 0.79 -14.31
N TYR B 361 15.50 1.68 -15.20
CA TYR B 361 15.35 1.45 -16.64
C TYR B 361 15.90 0.10 -17.09
N ASP B 362 17.11 -0.23 -16.63
CA ASP B 362 17.80 -1.45 -17.03
C ASP B 362 17.14 -2.70 -16.49
N GLU B 363 16.79 -2.68 -15.21
CA GLU B 363 16.08 -3.79 -14.61
C GLU B 363 14.77 -4.02 -15.36
N SER B 364 14.04 -2.94 -15.60
CA SER B 364 12.75 -3.05 -16.25
C SER B 364 12.89 -3.57 -17.68
N LEU B 365 13.98 -3.19 -18.36
CA LEU B 365 14.17 -3.58 -19.73
C LEU B 365 14.46 -5.06 -19.80
N SER B 366 15.29 -5.57 -18.91
CA SER B 366 15.62 -6.99 -18.94
C SER B 366 14.44 -7.86 -18.47
N THR B 367 13.64 -7.37 -17.52
CA THR B 367 12.42 -8.11 -17.15
C THR B 367 11.51 -8.22 -18.37
N LEU B 368 11.33 -7.10 -19.05
CA LEU B 368 10.45 -7.03 -20.23
C LEU B 368 10.97 -7.92 -21.35
N ARG B 369 12.29 -7.95 -21.54
CA ARG B 369 12.92 -8.78 -22.58
C ARG B 369 12.89 -10.26 -22.25
N PHE B 370 13.07 -10.57 -20.98
CA PHE B 370 12.97 -11.90 -20.50
C PHE B 370 11.53 -12.40 -20.69
N ALA B 371 10.55 -11.60 -20.29
CA ALA B 371 9.12 -11.95 -20.48
C ALA B 371 8.75 -12.09 -21.96
N ASN B 372 9.40 -11.29 -22.80
CA ASN B 372 9.07 -11.25 -24.20
C ASN B 372 9.63 -12.45 -24.95
N ARG B 373 10.77 -12.96 -24.51
CA ARG B 373 11.26 -14.24 -24.99
C ARG B 373 10.42 -15.40 -24.41
N ALA B 374 9.97 -15.26 -23.16
CA ALA B 374 9.15 -16.28 -22.51
C ALA B 374 7.90 -16.65 -23.32
N LYS B 375 7.30 -15.70 -24.01
CA LYS B 375 6.08 -16.00 -24.78
C LYS B 375 6.31 -16.84 -26.08
N ASN B 376 7.57 -17.03 -26.46
CA ASN B 376 7.91 -18.02 -27.50
C ASN B 376 7.96 -19.47 -26.99
N ILE B 377 7.83 -19.67 -25.68
CA ILE B 377 7.87 -21.02 -25.13
C ILE B 377 6.53 -21.70 -25.29
N LYS B 378 6.55 -22.89 -25.90
CA LYS B 378 5.37 -23.69 -26.11
C LYS B 378 5.48 -24.90 -25.19
N ASN B 379 4.42 -25.19 -24.43
CA ASN B 379 4.30 -26.41 -23.66
C ASN B 379 3.36 -27.40 -24.35
N LYS B 380 3.43 -28.68 -23.97
CA LYS B 380 2.48 -29.68 -24.45
C LYS B 380 1.81 -30.32 -23.21
N PRO B 381 0.73 -29.68 -22.67
CA PRO B 381 0.08 -30.15 -21.45
C PRO B 381 -0.97 -31.26 -21.64
N ARG B 382 -1.05 -32.17 -20.66
CA ARG B 382 -1.93 -33.32 -20.70
C ARG B 382 -2.76 -33.36 -19.42
N VAL B 383 -3.89 -34.07 -19.48
CA VAL B 383 -4.64 -34.37 -18.28
C VAL B 383 -3.95 -35.56 -17.60
N ASN B 384 -3.97 -35.59 -16.27
CA ASN B 384 -3.27 -36.62 -15.52
C ASN B 384 -4.21 -37.74 -15.06
MG MG C . 4.47 8.24 9.16
PB ADP D . 2.26 5.94 9.93
O1B ADP D . 3.41 5.39 10.73
O2B ADP D . 1.06 6.18 10.80
O3B ADP D . 2.62 7.11 9.03
PA ADP D . 1.94 4.81 7.30
O1A ADP D . 1.00 5.88 6.82
O2A ADP D . 3.39 4.87 6.83
O3A ADP D . 1.84 4.72 8.93
O5' ADP D . 1.34 3.39 6.81
C5' ADP D . 1.91 2.14 7.21
C4' ADP D . 2.10 1.18 6.04
O4' ADP D . 0.86 0.55 5.69
C3' ADP D . 2.56 1.87 4.76
O3' ADP D . 3.33 0.98 3.95
C2' ADP D . 1.28 2.22 4.05
O2' ADP D . 1.53 2.24 2.65
C1' ADP D . 0.34 1.10 4.46
N9 ADP D . -1.04 1.56 4.69
C8 ADP D . -1.50 2.34 5.69
N7 ADP D . -2.84 2.54 5.58
C5 ADP D . -3.24 1.86 4.50
C6 ADP D . -4.52 1.64 3.80
N6 ADP D . -5.64 2.17 4.26
N1 ADP D . -4.54 0.88 2.70
C2 ADP D . -3.41 0.32 2.22
N3 ADP D . -2.20 0.48 2.81
C4 ADP D . -2.07 1.23 3.93
UNK UNX E . -11.59 -3.18 8.92
UNK UNX F . -8.68 30.14 21.24
UNK UNX G . -0.85 5.46 -1.36
MG MG H . 8.98 -10.47 -2.29
PB ADP I . 8.67 -7.98 -4.27
O1B ADP I . 10.05 -7.76 -3.72
O2B ADP I . 8.69 -8.03 -5.78
O3B ADP I . 7.90 -9.10 -3.61
PA ADP I . 6.62 -6.61 -2.84
O1A ADP I . 5.52 -7.46 -3.40
O2A ADP I . 7.12 -6.88 -1.46
O3A ADP I . 7.87 -6.62 -3.89
O5' ADP I . 5.99 -5.15 -2.87
C5' ADP I . 6.72 -3.98 -2.53
C4' ADP I . 5.84 -3.01 -1.76
O4' ADP I . 4.97 -2.29 -2.65
C3' ADP I . 4.96 -3.71 -0.76
O3' ADP I . 4.88 -2.91 0.43
C2' ADP I . 3.63 -3.85 -1.46
O2' ADP I . 2.54 -3.84 -0.53
C1' ADP I . 3.62 -2.67 -2.41
N9 ADP I . 2.98 -2.99 -3.72
C8 ADP I . 3.46 -3.78 -4.70
N7 ADP I . 2.58 -3.82 -5.74
C5 ADP I . 1.56 -3.03 -5.41
C6 ADP I . 0.31 -2.61 -6.04
N6 ADP I . 0.01 -3.07 -7.26
N1 ADP I . -0.50 -1.76 -5.37
C2 ADP I . -0.20 -1.30 -4.14
N3 ADP I . 0.92 -1.64 -3.50
C4 ADP I . 1.82 -2.48 -4.09
UNK UNX J . 12.64 -12.41 -10.63
UNK UNX K . -2.65 -10.82 -7.31
UNK UNX L . 9.50 -30.33 -13.51
UNK UNX M . 14.64 -4.07 -26.97
UNK UNX N . 0.26 -23.09 -21.30
#